data_4XC0
#
_entry.id   4XC0
#
_cell.length_a   41.680
_cell.length_b   46.080
_cell.length_c   59.330
_cell.angle_alpha   90.00
_cell.angle_beta   107.54
_cell.angle_gamma   90.00
#
_symmetry.space_group_name_H-M   'P 1 21 1'
#
loop_
_entity.id
_entity.type
_entity.pdbx_description
1 polymer 'Heat shock cognate 90 kDa protein'
2 non-polymer 'PHOSPHOMETHYLPHOSPHONIC ACID ADENYLATE ESTER'
3 non-polymer 'MAGNESIUM ION'
4 non-polymer DI(HYDROXYETHYL)ETHER
5 water water
#
_entity_poly.entity_id   1
_entity_poly.type   'polypeptide(L)'
_entity_poly.pdbx_seq_one_letter_code
;MRGSHHHHHHGMASMTGGQQMGRDLYDDDDKDRWGSMAESQVERFTFQAEINQLMSLIINTFYSNKEVFLRELISNASDA
LDKIRYQSLTDASVLESKTELEIKIIPDKTAKTLTLIDSGIGMTKTDMVKNLGTIARSGTKNFMEQLQSGAADISMIGQF
GVGFYSAYLVADTVIVHSKNNDDEQYVWESSAGGEFTIALDHTEPLGRGTKIVLHMKEDQLDYLDETKIKNLVKKHSEFI
QYPISLLTIKEKEVDEETT
;
_entity_poly.pdbx_strand_id   A
#
loop_
_chem_comp.id
_chem_comp.type
_chem_comp.name
_chem_comp.formula
ACP non-polymer 'PHOSPHOMETHYLPHOSPHONIC ACID ADENYLATE ESTER' 'C11 H18 N5 O12 P3'
MG non-polymer 'MAGNESIUM ION' 'Mg 2'
PEG non-polymer DI(HYDROXYETHYL)ETHER 'C4 H10 O3'
#
# COMPACT_ATOMS: atom_id res chain seq x y z
N ALA A 38 -21.46 15.44 10.25
CA ALA A 38 -20.50 15.39 9.11
C ALA A 38 -21.14 14.75 7.88
N GLU A 39 -20.60 15.08 6.70
CA GLU A 39 -21.04 14.46 5.46
C GLU A 39 -19.91 14.19 4.47
N SER A 40 -19.98 13.03 3.83
CA SER A 40 -19.06 12.67 2.75
C SER A 40 -19.80 11.99 1.61
N GLN A 41 -19.44 12.35 0.38
CA GLN A 41 -19.86 11.58 -0.77
C GLN A 41 -18.84 10.46 -0.98
N VAL A 42 -19.34 9.24 -1.13
CA VAL A 42 -18.49 8.07 -1.30
C VAL A 42 -18.77 7.45 -2.66
N GLU A 43 -17.74 7.31 -3.49
CA GLU A 43 -17.92 6.63 -4.77
C GLU A 43 -17.48 5.18 -4.69
N ARG A 44 -18.34 4.28 -5.18
CA ARG A 44 -18.08 2.86 -5.19
C ARG A 44 -17.71 2.37 -6.59
N PHE A 45 -16.65 1.58 -6.67
CA PHE A 45 -16.17 1.01 -7.93
C PHE A 45 -16.05 -0.51 -7.83
N THR A 46 -16.17 -1.17 -8.99
CA THR A 46 -15.93 -2.61 -9.08
C THR A 46 -14.52 -2.85 -9.62
N PHE A 47 -13.82 -3.80 -9.02
CA PHE A 47 -12.52 -4.24 -9.49
C PHE A 47 -12.66 -4.88 -10.86
N GLN A 48 -11.65 -4.65 -11.70
CA GLN A 48 -11.49 -5.39 -12.95
C GLN A 48 -11.51 -6.88 -12.62
N ALA A 49 -12.22 -7.67 -13.43
CA ALA A 49 -12.49 -9.08 -13.13
C ALA A 49 -11.24 -9.88 -12.71
N GLU A 50 -10.14 -9.67 -13.43
CA GLU A 50 -8.91 -10.43 -13.17
C GLU A 50 -8.23 -10.00 -11.88
N ILE A 51 -8.32 -8.71 -11.56
CA ILE A 51 -7.82 -8.21 -10.27
C ILE A 51 -8.66 -8.79 -9.13
N ASN A 52 -9.98 -8.90 -9.37
CA ASN A 52 -10.86 -9.53 -8.40
C ASN A 52 -10.47 -10.98 -8.13
N GLN A 53 -10.14 -11.70 -9.21
CA GLN A 53 -9.68 -13.08 -9.12
C GLN A 53 -8.37 -13.19 -8.34
N LEU A 54 -7.45 -12.26 -8.62
CA LEU A 54 -6.14 -12.26 -7.96
C LEU A 54 -6.28 -12.04 -6.46
N MET A 55 -7.07 -11.04 -6.10
CA MET A 55 -7.38 -10.74 -4.70
C MET A 55 -7.99 -11.95 -3.98
N SER A 56 -8.89 -12.64 -4.66
CA SER A 56 -9.47 -13.86 -4.13
C SER A 56 -8.40 -14.93 -3.90
N LEU A 57 -7.49 -15.07 -4.85
CA LEU A 57 -6.41 -16.06 -4.78
C LEU A 57 -5.42 -15.73 -3.66
N ILE A 58 -5.10 -14.44 -3.52
CA ILE A 58 -4.20 -13.93 -2.48
C ILE A 58 -4.78 -14.15 -1.07
N ILE A 59 -6.08 -13.97 -0.94
CA ILE A 59 -6.77 -14.07 0.35
C ILE A 59 -7.12 -15.52 0.72
N ASN A 60 -7.64 -16.29 -0.23
CA ASN A 60 -8.22 -17.61 0.05
C ASN A 60 -7.28 -18.80 -0.12
N THR A 61 -5.98 -18.55 -0.08
CA THR A 61 -4.97 -19.59 -0.19
C THR A 61 -3.94 -19.42 0.92
N PHE A 62 -3.47 -20.53 1.46
CA PHE A 62 -2.42 -20.50 2.46
C PHE A 62 -1.07 -20.20 1.83
N TYR A 63 -0.37 -19.22 2.40
CA TYR A 63 1.01 -18.93 2.03
C TYR A 63 1.86 -18.95 3.31
N SER A 64 2.97 -19.70 3.25
CA SER A 64 3.83 -19.85 4.41
C SER A 64 4.60 -18.57 4.74
N ASN A 65 5.22 -17.98 3.72
CA ASN A 65 5.96 -16.74 3.90
C ASN A 65 5.27 -15.60 3.17
N LYS A 66 4.75 -14.66 3.95
CA LYS A 66 3.97 -13.53 3.43
C LYS A 66 4.74 -12.21 3.54
N GLU A 67 6.00 -12.31 3.98
CA GLU A 67 6.90 -11.19 4.21
C GLU A 67 7.00 -10.22 3.02
N VAL A 68 6.71 -10.73 1.82
CA VAL A 68 6.79 -9.92 0.59
C VAL A 68 5.92 -8.65 0.65
N PHE A 69 4.81 -8.69 1.40
CA PHE A 69 3.93 -7.52 1.52
C PHE A 69 4.72 -6.30 1.99
N LEU A 70 5.64 -6.50 2.94
CA LEU A 70 6.40 -5.38 3.47
C LEU A 70 7.37 -4.82 2.43
N ARG A 71 8.02 -5.72 1.69
CA ARG A 71 8.92 -5.34 0.60
C ARG A 71 8.18 -4.48 -0.43
N GLU A 72 6.97 -4.91 -0.78
CA GLU A 72 6.17 -4.22 -1.80
C GLU A 72 5.69 -2.84 -1.36
N LEU A 73 5.26 -2.73 -0.11
CA LEU A 73 4.81 -1.44 0.41
C LEU A 73 5.96 -0.46 0.51
N ILE A 74 7.11 -0.92 0.98
CA ILE A 74 8.29 -0.07 1.05
C ILE A 74 8.75 0.35 -0.34
N SER A 75 8.72 -0.58 -1.29
CA SER A 75 9.07 -0.33 -2.68
C SER A 75 8.22 0.80 -3.30
N ASN A 76 6.91 0.71 -3.09
CA ASN A 76 6.00 1.75 -3.57
C ASN A 76 6.29 3.12 -2.97
N ALA A 77 6.59 3.13 -1.67
CA ALA A 77 6.94 4.39 -1.00
C ALA A 77 8.21 4.98 -1.61
N SER A 78 9.23 4.12 -1.77
CA SER A 78 10.48 4.50 -2.42
C SER A 78 10.27 5.05 -3.84
N ASP A 79 9.48 4.35 -4.65
CA ASP A 79 9.17 4.81 -6.02
C ASP A 79 8.50 6.18 -6.02
N ALA A 80 7.56 6.40 -5.08
CA ALA A 80 6.85 7.67 -4.98
C ALA A 80 7.78 8.82 -4.59
N LEU A 81 8.72 8.53 -3.70
CA LEU A 81 9.70 9.52 -3.27
C LEU A 81 10.66 9.87 -4.41
N ASP A 82 11.07 8.85 -5.16
CA ASP A 82 11.89 9.04 -6.38
C ASP A 82 11.17 9.97 -7.36
N LYS A 83 9.90 9.71 -7.60
CA LYS A 83 9.11 10.48 -8.59
C LYS A 83 9.08 11.98 -8.24
N ILE A 84 8.73 12.31 -7.00
CA ILE A 84 8.72 13.70 -6.58
C ILE A 84 10.14 14.29 -6.54
N ARG A 85 11.12 13.47 -6.14
CA ARG A 85 12.52 13.88 -6.12
C ARG A 85 12.96 14.29 -7.52
N TYR A 86 12.70 13.43 -8.51
CA TYR A 86 13.08 13.76 -9.89
C TYR A 86 12.27 14.93 -10.47
N GLN A 87 10.98 15.01 -10.14
CA GLN A 87 10.18 16.18 -10.52
C GLN A 87 10.75 17.50 -9.98
N SER A 88 11.31 17.44 -8.77
CA SER A 88 11.88 18.63 -8.12
C SER A 88 13.13 19.13 -8.84
N LEU A 89 13.85 18.22 -9.48
CA LEU A 89 15.09 18.60 -10.17
C LEU A 89 14.80 19.47 -11.40
N THR A 90 13.62 19.28 -11.98
CA THR A 90 13.18 20.03 -13.16
C THR A 90 12.15 21.12 -12.85
N ASP A 91 11.57 21.07 -11.65
CA ASP A 91 10.67 22.11 -11.14
C ASP A 91 10.71 22.09 -9.62
N ALA A 92 11.51 23.00 -9.04
CA ALA A 92 11.76 23.01 -7.59
C ALA A 92 10.51 23.20 -6.73
N SER A 93 9.50 23.88 -7.29
CA SER A 93 8.29 24.26 -6.56
C SER A 93 7.42 23.08 -6.12
N VAL A 94 7.60 21.92 -6.76
CA VAL A 94 6.78 20.75 -6.43
C VAL A 94 6.92 20.30 -4.96
N LEU A 95 8.04 20.68 -4.33
CA LEU A 95 8.34 20.27 -2.95
C LEU A 95 7.71 21.17 -1.88
N GLU A 96 7.12 22.29 -2.30
CA GLU A 96 6.62 23.29 -1.36
C GLU A 96 5.49 22.78 -0.43
N SER A 97 4.77 21.76 -0.90
CA SER A 97 3.69 21.11 -0.13
C SER A 97 4.20 20.31 1.07
N LYS A 98 5.44 19.83 0.98
CA LYS A 98 6.09 19.05 2.05
C LYS A 98 7.57 18.89 1.70
N THR A 99 8.43 19.52 2.51
CA THR A 99 9.87 19.59 2.21
C THR A 99 10.64 18.29 2.47
N GLU A 100 10.24 17.55 3.51
CA GLU A 100 10.91 16.29 3.86
C GLU A 100 10.57 15.17 2.87
N LEU A 101 11.56 14.31 2.61
CA LEU A 101 11.36 13.11 1.80
C LEU A 101 11.73 11.90 2.63
N GLU A 102 10.72 11.27 3.21
CA GLU A 102 10.96 10.24 4.21
C GLU A 102 9.82 9.21 4.22
N ILE A 103 10.09 8.10 4.90
CA ILE A 103 9.11 7.06 5.14
C ILE A 103 8.95 6.86 6.65
N LYS A 104 7.71 6.66 7.09
CA LYS A 104 7.41 6.35 8.47
C LYS A 104 6.62 5.06 8.48
N ILE A 105 7.00 4.14 9.37
CA ILE A 105 6.29 2.86 9.53
C ILE A 105 5.80 2.73 10.96
N ILE A 106 4.50 2.47 11.11
CA ILE A 106 3.81 2.61 12.38
C ILE A 106 3.02 1.34 12.73
N PRO A 107 3.64 0.42 13.50
CA PRO A 107 2.83 -0.69 13.99
C PRO A 107 2.01 -0.27 15.20
N ASP A 108 0.75 -0.69 15.25
CA ASP A 108 -0.14 -0.27 16.31
C ASP A 108 -0.97 -1.47 16.71
N LYS A 109 -0.49 -2.19 17.73
CA LYS A 109 -1.16 -3.40 18.21
C LYS A 109 -2.59 -3.19 18.69
N THR A 110 -2.83 -2.10 19.43
CA THR A 110 -4.15 -1.80 19.96
C THR A 110 -5.16 -1.66 18.83
N ALA A 111 -4.75 -0.93 17.78
CA ALA A 111 -5.56 -0.71 16.60
C ALA A 111 -5.57 -1.91 15.65
N LYS A 112 -4.65 -2.84 15.84
CA LYS A 112 -4.40 -3.96 14.92
C LYS A 112 -4.08 -3.49 13.49
N THR A 113 -3.26 -2.44 13.41
CA THR A 113 -2.91 -1.86 12.13
C THR A 113 -1.41 -1.69 11.96
N LEU A 114 -0.99 -1.75 10.70
CA LEU A 114 0.34 -1.32 10.29
C LEU A 114 0.16 -0.19 9.30
N THR A 115 0.79 0.94 9.57
CA THR A 115 0.63 2.11 8.70
C THR A 115 1.99 2.44 8.08
N LEU A 116 1.99 2.72 6.79
CA LEU A 116 3.20 3.17 6.09
C LEU A 116 2.94 4.50 5.43
N ILE A 117 3.72 5.51 5.81
CA ILE A 117 3.52 6.86 5.29
C ILE A 117 4.75 7.27 4.52
N ASP A 118 4.55 7.80 3.31
CA ASP A 118 5.63 8.41 2.54
C ASP A 118 5.28 9.86 2.21
N SER A 119 6.30 10.68 2.02
CA SER A 119 6.07 12.03 1.52
C SER A 119 6.39 12.11 0.02
N GLY A 120 5.99 11.07 -0.71
CA GLY A 120 6.28 10.99 -2.14
C GLY A 120 5.29 11.79 -2.96
N ILE A 121 5.19 11.42 -4.24
CA ILE A 121 4.36 12.13 -5.21
C ILE A 121 2.88 12.24 -4.81
N GLY A 122 2.35 11.19 -4.18
CA GLY A 122 0.91 11.12 -3.91
C GLY A 122 0.11 10.74 -5.15
N MET A 123 -1.16 10.45 -4.93
CA MET A 123 -2.07 10.10 -6.02
C MET A 123 -3.29 11.01 -5.99
N THR A 124 -3.70 11.52 -7.15
CA THR A 124 -4.99 12.20 -7.32
C THR A 124 -6.11 11.14 -7.21
N LYS A 125 -7.36 11.58 -7.16
CA LYS A 125 -8.50 10.65 -7.17
C LYS A 125 -8.44 9.74 -8.39
N THR A 126 -8.26 10.35 -9.57
CA THR A 126 -8.17 9.59 -10.81
C THR A 126 -6.99 8.61 -10.80
N ASP A 127 -5.85 9.03 -10.27
CA ASP A 127 -4.70 8.13 -10.06
C ASP A 127 -5.08 6.88 -9.27
N MET A 128 -5.83 7.04 -8.18
CA MET A 128 -6.24 5.89 -7.36
C MET A 128 -7.21 4.97 -8.10
N VAL A 129 -8.18 5.55 -8.80
CA VAL A 129 -9.15 4.76 -9.58
C VAL A 129 -8.43 3.92 -10.64
N LYS A 130 -7.53 4.56 -11.38
CA LYS A 130 -6.83 3.91 -12.49
C LYS A 130 -5.76 2.91 -12.03
N ASN A 131 -5.05 3.25 -10.96
CA ASN A 131 -3.90 2.47 -10.52
C ASN A 131 -4.20 1.37 -9.50
N LEU A 132 -5.34 1.49 -8.81
CA LEU A 132 -5.67 0.58 -7.70
C LEU A 132 -6.99 -0.17 -7.88
N GLY A 133 -7.27 -0.63 -9.10
CA GLY A 133 -8.33 -1.61 -9.26
C GLY A 133 -9.13 -1.72 -10.54
N THR A 134 -9.28 -0.63 -11.28
CA THR A 134 -10.15 -0.64 -12.46
C THR A 134 -9.45 -1.08 -13.75
N ILE A 135 -8.12 -1.06 -13.75
CA ILE A 135 -7.33 -1.42 -14.94
C ILE A 135 -6.38 -2.57 -14.62
N ALA A 136 -6.42 -3.62 -15.43
CA ALA A 136 -5.47 -4.73 -15.30
C ALA A 136 -4.53 -4.79 -16.49
N ARG A 137 -3.27 -5.12 -16.20
CA ARG A 137 -2.29 -5.45 -17.23
C ARG A 137 -2.28 -6.97 -17.39
N SER A 138 -1.61 -7.47 -18.42
CA SER A 138 -1.56 -8.92 -18.68
C SER A 138 -0.72 -9.67 -17.65
N GLY A 139 0.02 -8.92 -16.85
CA GLY A 139 0.77 -9.48 -15.72
C GLY A 139 -0.09 -10.20 -14.70
N THR A 140 -1.33 -9.75 -14.54
CA THR A 140 -2.27 -10.33 -13.58
C THR A 140 -2.62 -11.78 -13.95
N LYS A 141 -3.09 -11.97 -15.18
CA LYS A 141 -3.45 -13.30 -15.68
C LYS A 141 -2.26 -14.24 -15.60
N ASN A 142 -1.10 -13.75 -16.03
CA ASN A 142 0.12 -14.56 -16.05
C ASN A 142 0.63 -14.93 -14.67
N PHE A 143 0.50 -14.01 -13.71
CA PHE A 143 0.84 -14.32 -12.32
C PHE A 143 -0.04 -15.43 -11.75
N MET A 144 -1.35 -15.37 -12.00
CA MET A 144 -2.25 -16.37 -11.45
C MET A 144 -1.96 -17.75 -12.06
N GLU A 145 -1.69 -17.76 -13.37
CA GLU A 145 -1.28 -18.96 -14.08
C GLU A 145 -0.03 -19.58 -13.45
N GLN A 146 0.99 -18.75 -13.23
CA GLN A 146 2.26 -19.22 -12.68
C GLN A 146 2.15 -19.63 -11.21
N LEU A 147 1.24 -19.00 -10.46
CA LEU A 147 1.00 -19.44 -9.09
C LEU A 147 0.40 -20.84 -9.08
N GLN A 148 -0.54 -21.08 -9.99
CA GLN A 148 -1.21 -22.39 -10.08
C GLN A 148 -0.29 -23.50 -10.61
N SER A 149 0.60 -23.14 -11.53
CA SER A 149 1.50 -24.10 -12.16
C SER A 149 2.73 -24.39 -11.32
N GLY A 150 3.06 -23.47 -10.42
CA GLY A 150 4.22 -23.58 -9.57
C GLY A 150 5.42 -22.81 -10.10
N ALA A 151 5.28 -22.25 -11.31
CA ALA A 151 6.35 -21.47 -11.94
C ALA A 151 6.74 -20.26 -11.11
N ALA A 152 5.76 -19.71 -10.39
CA ALA A 152 6.02 -18.57 -9.53
C ALA A 152 5.50 -18.83 -8.12
N ASP A 153 6.13 -18.21 -7.14
CA ASP A 153 5.57 -18.19 -5.79
C ASP A 153 5.17 -16.76 -5.41
N ILE A 154 4.46 -16.65 -4.29
CA ILE A 154 3.91 -15.37 -3.85
C ILE A 154 4.95 -14.25 -3.75
N SER A 155 6.18 -14.59 -3.38
CA SER A 155 7.25 -13.59 -3.20
C SER A 155 7.65 -12.85 -4.48
N MET A 156 7.24 -13.39 -5.65
CA MET A 156 7.60 -12.79 -6.93
C MET A 156 6.48 -11.93 -7.53
N ILE A 157 5.47 -11.63 -6.71
CA ILE A 157 4.31 -10.81 -7.14
C ILE A 157 4.73 -9.49 -7.82
N GLY A 158 5.78 -8.85 -7.31
CA GLY A 158 6.27 -7.59 -7.86
C GLY A 158 6.78 -7.66 -9.29
N GLN A 159 7.17 -8.85 -9.74
CA GLN A 159 7.64 -9.00 -11.13
C GLN A 159 6.49 -8.98 -12.14
N PHE A 160 5.26 -9.10 -11.64
CA PHE A 160 4.08 -9.17 -12.50
C PHE A 160 3.26 -7.88 -12.51
N GLY A 161 3.77 -6.83 -11.86
CA GLY A 161 3.13 -5.51 -11.88
C GLY A 161 1.93 -5.34 -10.98
N VAL A 162 1.77 -6.26 -10.02
CA VAL A 162 0.64 -6.25 -9.09
C VAL A 162 1.08 -6.29 -7.62
N GLY A 163 2.28 -5.78 -7.35
CA GLY A 163 2.87 -5.75 -6.01
C GLY A 163 1.97 -5.22 -4.90
N PHE A 164 1.15 -4.22 -5.20
CA PHE A 164 0.26 -3.60 -4.22
C PHE A 164 -0.65 -4.60 -3.52
N TYR A 165 -1.20 -5.53 -4.28
CA TYR A 165 -2.21 -6.47 -3.77
C TYR A 165 -1.67 -7.49 -2.78
N SER A 166 -0.34 -7.53 -2.64
CA SER A 166 0.31 -8.34 -1.63
C SER A 166 -0.12 -7.95 -0.21
N ALA A 167 -0.70 -6.75 -0.08
CA ALA A 167 -1.20 -6.28 1.21
C ALA A 167 -2.23 -7.23 1.78
N TYR A 168 -3.02 -7.86 0.90
CA TYR A 168 -4.10 -8.72 1.32
C TYR A 168 -3.66 -10.12 1.77
N LEU A 169 -2.35 -10.38 1.68
CA LEU A 169 -1.75 -11.52 2.35
C LEU A 169 -1.90 -11.42 3.87
N VAL A 170 -1.76 -10.19 4.39
CA VAL A 170 -1.76 -10.01 5.83
C VAL A 170 -2.92 -9.14 6.35
N ALA A 171 -3.60 -8.44 5.45
CA ALA A 171 -4.64 -7.49 5.85
C ALA A 171 -6.02 -7.87 5.31
N ASP A 172 -7.05 -7.71 6.16
CA ASP A 172 -8.45 -7.87 5.79
CA ASP A 172 -8.42 -7.90 5.71
C ASP A 172 -8.98 -6.64 5.05
N THR A 173 -8.52 -5.46 5.49
CA THR A 173 -8.94 -4.21 4.90
C THR A 173 -7.71 -3.34 4.70
N VAL A 174 -7.61 -2.72 3.53
CA VAL A 174 -6.55 -1.77 3.22
C VAL A 174 -7.16 -0.41 2.95
N ILE A 175 -6.58 0.62 3.58
CA ILE A 175 -7.04 2.01 3.42
C ILE A 175 -5.87 2.83 2.91
N VAL A 176 -6.07 3.52 1.79
CA VAL A 176 -5.02 4.32 1.17
C VAL A 176 -5.43 5.79 1.16
N HIS A 177 -4.77 6.59 1.99
CA HIS A 177 -4.99 8.03 2.03
C HIS A 177 -3.89 8.62 1.16
N SER A 178 -4.22 9.55 0.27
CA SER A 178 -3.18 10.11 -0.60
C SER A 178 -3.46 11.55 -1.00
N LYS A 179 -2.38 12.33 -1.08
CA LYS A 179 -2.41 13.74 -1.43
C LYS A 179 -1.36 14.03 -2.50
N ASN A 180 -1.84 14.34 -3.69
CA ASN A 180 -0.98 14.76 -4.79
C ASN A 180 -1.16 16.28 -4.92
N ASN A 181 -0.11 16.99 -5.34
CA ASN A 181 -0.18 18.44 -5.52
C ASN A 181 -1.37 18.91 -6.38
N ASP A 182 -1.78 18.07 -7.33
CA ASP A 182 -2.83 18.42 -8.27
C ASP A 182 -4.27 18.13 -7.81
N ASP A 183 -4.44 17.58 -6.62
CA ASP A 183 -5.79 17.23 -6.16
C ASP A 183 -5.95 17.42 -4.65
N GLU A 184 -7.19 17.33 -4.18
CA GLU A 184 -7.47 17.27 -2.76
C GLU A 184 -7.07 15.87 -2.25
N GLN A 185 -6.95 15.74 -0.93
CA GLN A 185 -6.64 14.44 -0.32
C GLN A 185 -7.83 13.50 -0.40
N TYR A 186 -7.58 12.30 -0.93
CA TYR A 186 -8.61 11.29 -1.08
C TYR A 186 -8.26 10.04 -0.29
N VAL A 187 -9.27 9.23 -0.02
CA VAL A 187 -9.05 7.99 0.70
C VAL A 187 -9.75 6.83 -0.02
N TRP A 188 -8.93 5.83 -0.37
CA TRP A 188 -9.36 4.61 -1.05
C TRP A 188 -9.42 3.52 0.01
N GLU A 189 -10.46 2.68 -0.07
CA GLU A 189 -10.62 1.59 0.89
C GLU A 189 -11.24 0.37 0.23
N SER A 190 -10.71 -0.81 0.56
CA SER A 190 -11.31 -2.07 0.13
C SER A 190 -11.05 -3.20 1.11
N SER A 191 -12.09 -4.02 1.33
CA SER A 191 -11.95 -5.27 2.05
C SER A 191 -12.09 -6.43 1.06
N ALA A 192 -11.64 -6.19 -0.16
CA ALA A 192 -11.82 -7.10 -1.29
C ALA A 192 -13.31 -7.31 -1.58
N GLY A 193 -13.68 -8.54 -1.94
CA GLY A 193 -15.08 -8.81 -2.27
C GLY A 193 -15.59 -8.08 -3.49
N GLY A 194 -14.67 -7.66 -4.36
CA GLY A 194 -15.03 -7.15 -5.68
C GLY A 194 -15.31 -5.66 -5.81
N GLU A 195 -15.16 -4.93 -4.71
CA GLU A 195 -15.44 -3.49 -4.70
C GLU A 195 -14.41 -2.72 -3.90
N PHE A 196 -14.19 -1.47 -4.32
CA PHE A 196 -13.52 -0.48 -3.49
C PHE A 196 -14.29 0.83 -3.50
N THR A 197 -13.98 1.69 -2.54
CA THR A 197 -14.61 3.00 -2.46
C THR A 197 -13.55 4.07 -2.43
N ILE A 198 -13.94 5.27 -2.86
CA ILE A 198 -13.08 6.44 -2.82
CA ILE A 198 -13.07 6.43 -2.75
C ILE A 198 -13.89 7.67 -2.36
N ALA A 199 -13.35 8.42 -1.40
CA ALA A 199 -14.02 9.60 -0.88
C ALA A 199 -13.02 10.70 -0.60
N LEU A 200 -13.49 11.94 -0.63
CA LEU A 200 -12.71 13.07 -0.16
C LEU A 200 -12.31 12.79 1.29
N ASP A 201 -11.03 12.95 1.61
CA ASP A 201 -10.48 12.56 2.90
C ASP A 201 -10.62 13.69 3.93
N HIS A 202 -11.27 13.38 5.05
CA HIS A 202 -11.46 14.38 6.11
C HIS A 202 -10.62 14.08 7.35
N THR A 203 -9.68 13.14 7.22
CA THR A 203 -8.75 12.81 8.32
C THR A 203 -7.51 13.69 8.21
N GLU A 204 -6.48 13.40 9.00
CA GLU A 204 -5.27 14.24 9.08
C GLU A 204 -4.65 14.55 7.71
N PRO A 205 -4.48 15.86 7.40
CA PRO A 205 -3.82 16.27 6.16
C PRO A 205 -2.39 15.77 6.08
N LEU A 206 -2.03 15.23 4.92
CA LEU A 206 -0.71 14.68 4.67
C LEU A 206 0.26 15.70 4.10
N GLY A 207 -0.29 16.80 3.55
CA GLY A 207 0.52 17.82 2.87
C GLY A 207 0.86 17.36 1.47
N ARG A 208 1.53 16.21 1.39
CA ARG A 208 1.77 15.49 0.15
C ARG A 208 2.25 14.09 0.52
N GLY A 209 1.78 13.10 -0.23
CA GLY A 209 2.25 11.72 -0.05
C GLY A 209 1.11 10.76 0.14
N THR A 210 1.44 9.59 0.67
CA THR A 210 0.49 8.49 0.79
C THR A 210 0.63 7.85 2.16
N LYS A 211 -0.51 7.57 2.79
CA LYS A 211 -0.54 6.88 4.05
C LYS A 211 -1.41 5.65 3.85
N ILE A 212 -0.77 4.49 3.87
CA ILE A 212 -1.47 3.22 3.71
CA ILE A 212 -1.45 3.21 3.70
C ILE A 212 -1.62 2.53 5.05
N VAL A 213 -2.86 2.15 5.35
CA VAL A 213 -3.19 1.54 6.63
C VAL A 213 -3.68 0.13 6.38
N LEU A 214 -2.96 -0.84 6.93
CA LEU A 214 -3.36 -2.23 6.79
C LEU A 214 -4.02 -2.66 8.08
N HIS A 215 -5.30 -3.04 8.01
CA HIS A 215 -5.97 -3.67 9.14
CA HIS A 215 -5.93 -3.68 9.16
C HIS A 215 -5.62 -5.15 9.12
N MET A 216 -4.79 -5.58 10.07
CA MET A 216 -4.20 -6.91 10.05
C MET A 216 -5.16 -8.03 10.40
N LYS A 217 -5.06 -9.11 9.64
CA LYS A 217 -5.75 -10.37 9.95
C LYS A 217 -5.29 -10.86 11.31
N GLU A 218 -6.16 -11.54 12.04
CA GLU A 218 -5.83 -11.98 13.41
C GLU A 218 -4.60 -12.89 13.44
N ASP A 219 -4.48 -13.76 12.44
CA ASP A 219 -3.39 -14.74 12.33
CA ASP A 219 -3.38 -14.74 12.38
CA ASP A 219 -3.39 -14.74 12.36
C ASP A 219 -2.08 -14.13 11.85
N GLN A 220 -2.10 -12.85 11.54
CA GLN A 220 -0.92 -12.18 10.99
C GLN A 220 -0.43 -11.04 11.89
N LEU A 221 -0.99 -10.99 13.10
CA LEU A 221 -0.71 -9.90 14.03
C LEU A 221 0.73 -9.89 14.54
N ASP A 222 1.43 -11.02 14.44
CA ASP A 222 2.84 -11.09 14.83
C ASP A 222 3.71 -10.11 14.02
N TYR A 223 3.23 -9.71 12.84
CA TYR A 223 3.91 -8.68 12.05
C TYR A 223 3.93 -7.32 12.76
N LEU A 224 3.14 -7.18 13.82
CA LEU A 224 3.14 -5.93 14.58
C LEU A 224 4.04 -5.98 15.81
N ASP A 225 4.64 -7.14 16.09
CA ASP A 225 5.59 -7.26 17.21
C ASP A 225 6.80 -6.35 16.96
N GLU A 226 7.14 -5.54 17.96
CA GLU A 226 8.17 -4.52 17.82
C GLU A 226 9.50 -5.01 17.24
N THR A 227 10.07 -6.07 17.81
CA THR A 227 11.38 -6.53 17.35
C THR A 227 11.28 -7.16 15.97
N LYS A 228 10.19 -7.90 15.73
CA LYS A 228 9.94 -8.55 14.45
C LYS A 228 9.84 -7.55 13.30
N ILE A 229 9.05 -6.49 13.49
CA ILE A 229 8.88 -5.49 12.44
C ILE A 229 10.14 -4.63 12.29
N LYS A 230 10.76 -4.27 13.41
CA LYS A 230 12.03 -3.52 13.43
C LYS A 230 13.05 -4.24 12.55
N ASN A 231 13.21 -5.53 12.79
CA ASN A 231 14.21 -6.31 12.07
C ASN A 231 13.87 -6.55 10.60
N LEU A 232 12.59 -6.76 10.31
CA LEU A 232 12.14 -6.93 8.93
C LEU A 232 12.29 -5.66 8.10
N VAL A 233 12.09 -4.51 8.74
CA VAL A 233 12.28 -3.21 8.10
C VAL A 233 13.76 -3.04 7.72
N LYS A 234 14.66 -3.33 8.66
CA LYS A 234 16.10 -3.41 8.38
C LYS A 234 16.41 -4.34 7.19
N LYS A 235 15.79 -5.52 7.19
CA LYS A 235 15.97 -6.53 6.15
C LYS A 235 15.47 -6.10 4.77
N HIS A 236 14.42 -5.29 4.73
CA HIS A 236 13.78 -4.91 3.47
C HIS A 236 13.99 -3.46 3.09
N SER A 237 15.09 -2.88 3.57
CA SER A 237 15.41 -1.48 3.33
C SER A 237 16.89 -1.24 3.11
N GLU A 238 17.64 -2.29 2.81
CA GLU A 238 19.07 -2.19 2.57
C GLU A 238 19.38 -1.23 1.44
N PHE A 239 18.58 -1.28 0.37
CA PHE A 239 18.80 -0.46 -0.82
C PHE A 239 17.92 0.79 -0.89
N ILE A 240 17.28 1.13 0.22
CA ILE A 240 16.40 2.31 0.27
C ILE A 240 17.20 3.57 0.61
N GLN A 241 17.09 4.59 -0.25
CA GLN A 241 17.90 5.81 -0.11
C GLN A 241 17.20 6.95 0.64
N TYR A 242 16.10 6.62 1.31
CA TYR A 242 15.35 7.60 2.09
C TYR A 242 15.30 7.15 3.55
N PRO A 243 15.29 8.12 4.49
CA PRO A 243 15.17 7.81 5.91
C PRO A 243 13.89 7.05 6.22
N ILE A 244 13.99 6.04 7.07
CA ILE A 244 12.84 5.30 7.53
C ILE A 244 12.75 5.43 9.05
N SER A 245 11.58 5.82 9.54
CA SER A 245 11.36 5.92 10.97
C SER A 245 10.33 4.90 11.39
N LEU A 246 10.73 3.98 12.28
CA LEU A 246 9.79 3.04 12.87
C LEU A 246 9.24 3.63 14.16
N LEU A 247 7.93 3.88 14.16
CA LEU A 247 7.27 4.48 15.31
C LEU A 247 6.31 3.46 15.90
N THR A 248 6.71 2.87 17.02
CA THR A 248 5.88 1.83 17.63
CA THR A 248 5.91 1.82 17.65
C THR A 248 4.92 2.42 18.65
N ILE A 249 3.62 2.28 18.37
CA ILE A 249 2.57 2.83 19.22
C ILE A 249 2.30 1.92 20.42
N LYS A 250 2.51 2.45 21.62
CA LYS A 250 2.16 1.76 22.85
C LYS A 250 0.93 2.40 23.51
PG ACP B . 5.40 -3.70 -8.95
O1G ACP B . 5.33 -3.13 -7.56
O2G ACP B . 6.81 -4.09 -9.34
O3G ACP B . 4.40 -4.78 -9.22
PB ACP B . 4.05 -1.01 -9.42
O1B ACP B . 4.75 -0.43 -8.22
O2B ACP B . 3.71 -0.07 -10.55
C3B ACP B . 5.08 -2.34 -10.12
PA ACP B . 1.98 -1.70 -7.55
O1A ACP B . 0.86 -2.71 -7.63
O2A ACP B . 3.03 -1.80 -6.45
O3A ACP B . 2.67 -1.73 -9.00
O5' ACP B . 1.35 -0.24 -7.48
C5' ACP B . 0.33 0.09 -8.44
C4' ACP B . 0.38 1.57 -8.76
O4' ACP B . -0.24 2.28 -7.69
C3' ACP B . 1.79 2.16 -8.88
O3' ACP B . 2.25 2.08 -10.23
C2' ACP B . 1.61 3.59 -8.43
O2' ACP B . 1.16 4.38 -9.53
C1' ACP B . 0.47 3.49 -7.43
N9 ACP B . 1.01 3.54 -6.04
C8 ACP B . 1.11 2.52 -5.16
N7 ACP B . 1.63 2.95 -3.98
C5 ACP B . 1.88 4.26 -4.11
C6 ACP B . 2.44 5.34 -3.26
N6 ACP B . 2.85 5.09 -1.99
N1 ACP B . 2.52 6.58 -3.79
C2 ACP B . 2.12 6.87 -5.05
N3 ACP B . 1.61 5.94 -5.87
C4 ACP B . 1.46 4.65 -5.47
MG MG C . 4.95 -1.49 -6.53
C1 PEG D . -3.12 0.95 -14.43
O1 PEG D . -2.42 1.92 -15.21
C2 PEG D . -2.25 -0.29 -14.23
O2 PEG D . -1.87 -0.43 -12.87
C3 PEG D . -0.48 -0.15 -12.67
C4 PEG D . 0.35 -1.43 -12.69
O4 PEG D . 1.63 -1.17 -13.27
#